data_2X9Q
#
_entry.id   2X9Q
#
_cell.length_a   71.090
_cell.length_b   75.060
_cell.length_c   140.360
_cell.angle_alpha   90.00
_cell.angle_beta   90.00
_cell.angle_gamma   90.00
#
_symmetry.space_group_name_H-M   'P 21 21 21'
#
loop_
_entity.id
_entity.type
_entity.pdbx_description
1 polymer 'CYCLODIPEPTIDE SYNTHETASE'
2 water water
#
_entity_poly.entity_id   1
_entity_poly.type   'polypeptide(L)'
_entity_poly.pdbx_seq_one_letter_code
;(MSE)SYVAAEPGVLISPTDDLQSPRSAPAAHDENADGITGGTRDDSAPNSRFQLGRRIPEATAQEGFLVRPFTQQCQII
HTEGDHAVIGVSPGNSYFSRQRLRDLGLWGLTNFDRVDFVYTDVHVAESYEALGDSAIEARRKAVKNIRGVRAKITTTVN
ELDPAGARLCVRP(MSE)SEFQSNEAYRELHADLLTRLKDDED(MSE)RAVCQDLVRRFLSTKVGPRQGATATQEQVC
(MSE)DYICAEAPLFLDTPAILGVPSSLNCYHQSLPLAE(MSE)LYARGSGLRASRNQGHAIVTPDGSPAE
;
_entity_poly.pdbx_strand_id   A,B
#
# COMPACT_ATOMS: atom_id res chain seq x y z
N PHE A 49 15.06 -15.87 2.41
CA PHE A 49 14.70 -15.53 3.84
C PHE A 49 13.74 -14.37 3.96
N GLN A 50 12.43 -14.66 3.92
CA GLN A 50 11.36 -13.63 3.98
C GLN A 50 10.91 -13.33 5.43
N LEU A 51 10.43 -12.10 5.59
CA LEU A 51 10.33 -11.45 6.92
C LEU A 51 8.90 -11.37 7.49
N GLY A 52 7.91 -11.81 6.68
CA GLY A 52 6.47 -11.79 7.03
C GLY A 52 5.98 -13.00 7.82
N ARG A 53 4.72 -12.96 8.25
CA ARG A 53 4.32 -14.01 9.20
C ARG A 53 3.64 -15.26 8.67
N ARG A 54 2.87 -15.15 7.61
CA ARG A 54 2.37 -16.38 7.00
C ARG A 54 2.84 -16.40 5.52
N ILE A 55 4.15 -16.54 5.31
CA ILE A 55 4.79 -16.69 3.99
C ILE A 55 3.94 -17.59 3.02
N PRO A 56 3.40 -17.02 1.93
CA PRO A 56 2.64 -17.92 1.03
C PRO A 56 3.56 -18.97 0.41
N GLU A 57 3.00 -20.11 0.12
CA GLU A 57 3.78 -21.08 -0.65
C GLU A 57 3.24 -20.99 -2.07
N ALA A 58 3.90 -21.72 -2.97
CA ALA A 58 3.65 -21.69 -4.38
C ALA A 58 2.36 -22.44 -4.74
N THR A 59 1.56 -21.88 -5.64
CA THR A 59 0.45 -22.61 -6.21
C THR A 59 0.80 -22.97 -7.72
N ALA A 60 0.59 -24.25 -8.09
CA ALA A 60 0.80 -24.72 -9.48
C ALA A 60 -0.33 -24.29 -10.45
N GLN A 61 0.04 -23.57 -11.53
CA GLN A 61 -0.92 -23.05 -12.49
C GLN A 61 -0.30 -23.15 -13.91
N GLU A 62 -0.96 -23.87 -14.82
CA GLU A 62 -0.54 -23.95 -16.24
C GLU A 62 0.95 -24.06 -16.43
N GLY A 63 1.58 -24.98 -15.71
CA GLY A 63 3.01 -25.28 -15.89
C GLY A 63 4.00 -24.41 -15.09
N PHE A 64 3.47 -23.51 -14.26
CA PHE A 64 4.29 -22.65 -13.38
C PHE A 64 4.02 -22.83 -11.89
N LEU A 65 5.00 -22.62 -11.04
CA LEU A 65 4.71 -22.50 -9.64
C LEU A 65 4.63 -20.97 -9.42
N VAL A 66 3.50 -20.50 -8.88
CA VAL A 66 3.33 -19.05 -8.60
C VAL A 66 3.42 -18.88 -7.05
N ARG A 67 4.39 -18.10 -6.62
CA ARG A 67 4.63 -17.83 -5.20
C ARG A 67 4.51 -16.33 -4.90
N PRO A 68 3.31 -15.94 -4.42
CA PRO A 68 3.18 -14.53 -4.03
C PRO A 68 4.13 -14.20 -2.88
N PHE A 69 4.66 -12.99 -2.92
CA PHE A 69 5.70 -12.61 -1.98
C PHE A 69 5.12 -12.41 -0.54
N THR A 70 3.94 -11.82 -0.39
CA THR A 70 3.27 -11.68 0.91
C THR A 70 1.83 -12.23 0.84
N GLN A 71 1.16 -12.33 2.00
CA GLN A 71 -0.27 -12.76 1.97
C GLN A 71 -1.13 -11.75 1.24
N GLN A 72 -0.74 -10.47 1.26
CA GLN A 72 -1.57 -9.53 0.53
C GLN A 72 -1.35 -9.62 -1.02
N CYS A 73 -0.12 -9.99 -1.41
CA CYS A 73 0.16 -10.27 -2.84
C CYS A 73 -0.70 -11.45 -3.25
N GLN A 74 -0.93 -12.39 -2.36
CA GLN A 74 -1.75 -13.53 -2.79
C GLN A 74 -3.18 -13.16 -3.04
N ILE A 75 -3.72 -12.21 -2.24
CA ILE A 75 -5.03 -11.67 -2.53
C ILE A 75 -5.05 -11.02 -3.91
N ILE A 76 -4.00 -10.22 -4.22
CA ILE A 76 -3.97 -9.58 -5.56
C ILE A 76 -3.90 -10.59 -6.74
N HIS A 77 -3.12 -11.64 -6.55
CA HIS A 77 -3.03 -12.71 -7.52
C HIS A 77 -4.43 -13.26 -7.75
N THR A 78 -5.15 -13.60 -6.66
CA THR A 78 -6.54 -14.08 -6.75
C THR A 78 -7.53 -13.09 -7.38
N GLU A 79 -7.36 -11.78 -7.17
CA GLU A 79 -8.20 -10.85 -7.87
C GLU A 79 -8.08 -11.02 -9.43
N GLY A 80 -6.90 -11.38 -9.94
CA GLY A 80 -6.81 -11.62 -11.41
C GLY A 80 -7.09 -10.40 -12.26
N ASP A 81 -6.73 -9.20 -11.77
CA ASP A 81 -6.94 -8.04 -12.64
C ASP A 81 -5.85 -7.93 -13.70
N HIS A 82 -4.58 -8.00 -13.23
CA HIS A 82 -3.47 -7.59 -14.11
C HIS A 82 -2.18 -8.20 -13.69
N ALA A 83 -1.37 -8.60 -14.65
CA ALA A 83 0.02 -8.97 -14.37
C ALA A 83 0.99 -8.19 -15.27
N VAL A 84 2.11 -7.79 -14.68
CA VAL A 84 3.32 -7.45 -15.46
C VAL A 84 4.22 -8.68 -15.46
N ILE A 85 4.62 -9.12 -16.65
CA ILE A 85 5.62 -10.14 -16.86
C ILE A 85 6.86 -9.40 -17.35
N GLY A 86 7.81 -9.13 -16.48
CA GLY A 86 8.99 -8.36 -16.86
C GLY A 86 9.91 -9.31 -17.63
N VAL A 87 10.61 -8.78 -18.65
CA VAL A 87 11.48 -9.66 -19.45
C VAL A 87 12.84 -8.93 -19.59
N SER A 88 13.95 -9.62 -19.30
CA SER A 88 15.31 -9.06 -19.36
C SER A 88 15.98 -9.46 -20.68
N PRO A 89 16.62 -8.54 -21.35
CA PRO A 89 17.25 -8.84 -22.64
C PRO A 89 18.52 -9.67 -22.35
N GLY A 90 19.00 -10.49 -23.28
CA GLY A 90 20.27 -11.22 -23.00
C GLY A 90 20.18 -12.35 -21.97
N ASN A 91 18.97 -12.85 -21.70
CA ASN A 91 18.74 -13.81 -20.61
C ASN A 91 18.10 -14.98 -21.24
N SER A 92 18.84 -16.09 -21.37
CA SER A 92 18.30 -17.24 -22.12
C SER A 92 17.07 -17.91 -21.48
N TYR A 93 16.76 -17.62 -20.23
CA TYR A 93 15.49 -18.13 -19.64
C TYR A 93 14.30 -17.77 -20.53
N PHE A 94 14.32 -16.59 -21.13
CA PHE A 94 13.21 -16.10 -21.97
C PHE A 94 13.28 -16.58 -23.39
N SER A 95 13.18 -17.90 -23.53
CA SER A 95 13.17 -18.53 -24.84
C SER A 95 11.78 -18.25 -25.43
N ARG A 96 11.63 -18.51 -26.73
CA ARG A 96 10.32 -18.43 -27.35
C ARG A 96 9.27 -19.31 -26.66
N GLN A 97 9.62 -20.53 -26.35
CA GLN A 97 8.63 -21.42 -25.70
C GLN A 97 8.25 -20.88 -24.27
N ARG A 98 9.25 -20.42 -23.49
CA ARG A 98 8.98 -19.94 -22.14
C ARG A 98 8.06 -18.72 -22.22
N LEU A 99 8.30 -17.82 -23.20
CA LEU A 99 7.44 -16.63 -23.35
C LEU A 99 6.02 -17.02 -23.72
N ARG A 100 5.90 -17.98 -24.64
CA ARG A 100 4.55 -18.48 -24.95
C ARG A 100 3.87 -19.09 -23.72
N ASP A 101 4.58 -19.88 -22.97
CA ASP A 101 3.99 -20.54 -21.81
C ASP A 101 3.53 -19.46 -20.79
N LEU A 102 4.37 -18.43 -20.63
CA LEU A 102 4.03 -17.30 -19.74
C LEU A 102 2.80 -16.56 -20.19
N GLY A 103 2.74 -16.27 -21.48
CA GLY A 103 1.60 -15.59 -22.06
C GLY A 103 0.30 -16.42 -21.89
N LEU A 104 0.38 -17.73 -22.08
CA LEU A 104 -0.83 -18.59 -21.84
C LEU A 104 -1.23 -18.60 -20.34
N TRP A 105 -0.22 -18.71 -19.45
CA TRP A 105 -0.43 -18.68 -17.99
C TRP A 105 -1.08 -17.35 -17.69
N GLY A 106 -0.56 -16.25 -18.24
CA GLY A 106 -1.10 -14.91 -17.96
C GLY A 106 -2.56 -14.72 -18.39
N LEU A 107 -2.88 -15.16 -19.60
CA LEU A 107 -4.23 -14.95 -20.07
C LEU A 107 -5.21 -15.86 -19.36
N THR A 108 -4.78 -17.01 -18.88
CA THR A 108 -5.63 -17.87 -18.08
C THR A 108 -5.96 -17.21 -16.72
N ASN A 109 -5.04 -16.38 -16.18
CA ASN A 109 -5.19 -16.01 -14.79
C ASN A 109 -5.46 -14.54 -14.53
N PHE A 110 -5.42 -13.68 -15.53
CA PHE A 110 -5.62 -12.22 -15.34
C PHE A 110 -6.48 -11.62 -16.43
N ASP A 111 -7.25 -10.57 -16.15
CA ASP A 111 -8.00 -9.93 -17.22
C ASP A 111 -7.10 -9.32 -18.28
N ARG A 112 -5.93 -8.82 -17.86
CA ARG A 112 -5.06 -8.14 -18.80
C ARG A 112 -3.60 -8.46 -18.40
N VAL A 113 -2.69 -8.56 -19.39
CA VAL A 113 -1.30 -8.97 -19.12
C VAL A 113 -0.39 -8.08 -19.93
N ASP A 114 0.62 -7.49 -19.30
CA ASP A 114 1.60 -6.63 -20.05
C ASP A 114 3.01 -7.23 -19.88
N PHE A 115 3.65 -7.63 -20.98
CA PHE A 115 5.01 -8.05 -20.95
C PHE A 115 5.72 -6.70 -21.02
N VAL A 116 6.74 -6.48 -20.20
CA VAL A 116 7.50 -5.22 -20.27
C VAL A 116 9.00 -5.63 -20.33
N TYR A 117 9.70 -5.29 -21.41
CA TYR A 117 11.11 -5.66 -21.50
C TYR A 117 11.98 -4.48 -21.17
N THR A 118 13.05 -4.77 -20.47
CA THR A 118 13.92 -3.69 -20.00
C THR A 118 14.83 -3.22 -21.17
N ASP A 119 14.77 -1.95 -21.56
CA ASP A 119 15.62 -1.50 -22.66
C ASP A 119 16.44 -0.25 -22.24
N VAL A 120 16.66 -0.10 -20.93
CA VAL A 120 17.34 1.08 -20.42
C VAL A 120 18.45 0.57 -19.49
N HIS A 121 19.57 1.28 -19.45
CA HIS A 121 20.74 0.87 -18.67
C HIS A 121 21.34 -0.48 -19.05
N VAL A 122 20.97 -1.02 -20.23
CA VAL A 122 21.54 -2.28 -20.71
C VAL A 122 22.98 -2.12 -21.22
N ALA A 123 23.20 -1.16 -22.10
CA ALA A 123 24.58 -0.85 -22.59
C ALA A 123 25.46 -0.49 -21.36
N GLU A 124 24.94 0.33 -20.46
CA GLU A 124 25.74 0.70 -19.25
C GLU A 124 26.18 -0.48 -18.41
N SER A 125 25.32 -1.50 -18.27
CA SER A 125 25.68 -2.68 -17.54
C SER A 125 26.76 -3.45 -18.23
N TYR A 126 26.67 -3.58 -19.54
CA TYR A 126 27.73 -4.30 -20.30
C TYR A 126 29.09 -3.55 -20.17
N GLU A 127 29.04 -2.23 -20.24
CA GLU A 127 30.29 -1.46 -20.02
C GLU A 127 30.85 -1.74 -18.61
N ALA A 128 29.97 -1.72 -17.60
CA ALA A 128 30.45 -1.92 -16.23
C ALA A 128 31.00 -3.34 -16.11
N LEU A 129 30.60 -4.27 -16.99
CA LEU A 129 31.17 -5.60 -16.94
C LEU A 129 32.43 -5.66 -17.76
N GLY A 130 32.91 -4.54 -18.33
CA GLY A 130 34.18 -4.63 -19.05
C GLY A 130 34.17 -4.55 -20.57
N ASP A 131 33.01 -4.29 -21.20
CA ASP A 131 33.00 -4.08 -22.65
C ASP A 131 33.37 -2.63 -22.89
N SER A 132 33.87 -2.31 -24.08
CA SER A 132 34.07 -0.88 -24.48
C SER A 132 32.66 -0.31 -24.64
N ALA A 133 32.54 1.03 -24.65
CA ALA A 133 31.25 1.70 -24.85
C ALA A 133 30.62 1.37 -26.19
N ILE A 134 31.44 1.29 -27.23
CA ILE A 134 30.94 0.94 -28.51
C ILE A 134 30.39 -0.49 -28.47
N GLU A 135 31.18 -1.42 -27.95
CA GLU A 135 30.78 -2.81 -28.09
C GLU A 135 29.54 -3.01 -27.12
N ALA A 136 29.56 -2.39 -25.94
CA ALA A 136 28.38 -2.46 -25.06
C ALA A 136 27.09 -2.02 -25.74
N ARG A 137 27.15 -0.94 -26.50
CA ARG A 137 25.96 -0.51 -27.21
C ARG A 137 25.60 -1.50 -28.31
N ARG A 138 26.60 -2.00 -29.07
CA ARG A 138 26.28 -2.97 -30.12
C ARG A 138 25.46 -4.16 -29.52
N LYS A 139 25.96 -4.68 -28.39
CA LYS A 139 25.37 -5.90 -27.78
C LYS A 139 24.02 -5.59 -27.18
N ALA A 140 23.88 -4.40 -26.57
CA ALA A 140 22.56 -3.92 -26.03
C ALA A 140 21.55 -3.87 -27.17
N VAL A 141 21.95 -3.26 -28.30
CA VAL A 141 21.02 -3.12 -29.46
C VAL A 141 20.61 -4.50 -29.93
N LYS A 142 21.58 -5.39 -30.08
CA LYS A 142 21.27 -6.74 -30.48
C LYS A 142 20.35 -7.50 -29.49
N ASN A 143 20.65 -7.43 -28.20
CA ASN A 143 19.88 -8.18 -27.23
C ASN A 143 18.48 -7.61 -27.06
N ILE A 144 18.37 -6.28 -27.12
CA ILE A 144 17.08 -5.61 -27.06
C ILE A 144 16.17 -5.91 -28.33
N ARG A 145 16.74 -5.85 -29.55
CA ARG A 145 16.01 -6.39 -30.74
C ARG A 145 15.55 -7.83 -30.55
N GLY A 146 16.42 -8.73 -30.07
CA GLY A 146 16.03 -10.13 -29.96
C GLY A 146 14.82 -10.28 -28.98
N VAL A 147 14.92 -9.65 -27.79
CA VAL A 147 13.86 -9.91 -26.82
C VAL A 147 12.56 -9.19 -27.31
N ARG A 148 12.67 -7.98 -27.87
CA ARG A 148 11.49 -7.33 -28.40
C ARG A 148 10.79 -8.28 -29.43
N ALA A 149 11.57 -8.82 -30.38
CA ALA A 149 11.03 -9.61 -31.43
C ALA A 149 10.39 -10.88 -30.87
N LYS A 150 11.08 -11.60 -29.98
CA LYS A 150 10.49 -12.84 -29.39
C LYS A 150 9.17 -12.52 -28.67
N ILE A 151 9.14 -11.40 -27.93
CA ILE A 151 7.90 -11.06 -27.25
C ILE A 151 6.86 -10.69 -28.26
N THR A 152 7.21 -9.82 -29.25
CA THR A 152 6.23 -9.39 -30.23
C THR A 152 5.63 -10.58 -30.98
N THR A 153 6.44 -11.59 -31.37
CA THR A 153 5.89 -12.76 -32.06
C THR A 153 4.94 -13.48 -31.13
N THR A 154 5.39 -13.70 -29.88
CA THR A 154 4.51 -14.30 -28.86
C THR A 154 3.11 -13.67 -28.79
N VAL A 155 3.07 -12.36 -28.73
CA VAL A 155 1.83 -11.62 -28.47
C VAL A 155 0.94 -11.68 -29.72
N ASN A 156 1.59 -11.65 -30.90
CA ASN A 156 0.86 -11.67 -32.19
C ASN A 156 0.19 -13.03 -32.33
N GLU A 157 0.94 -14.05 -31.93
CA GLU A 157 0.45 -15.42 -31.92
C GLU A 157 -0.68 -15.69 -30.95
N LEU A 158 -0.54 -15.19 -29.71
CA LEU A 158 -1.57 -15.47 -28.67
C LEU A 158 -2.74 -14.55 -28.68
N ASP A 159 -2.57 -13.30 -29.11
CA ASP A 159 -3.63 -12.30 -28.99
C ASP A 159 -3.52 -11.34 -30.17
N PRO A 160 -3.72 -11.87 -31.41
CA PRO A 160 -3.65 -11.09 -32.66
C PRO A 160 -4.36 -9.76 -32.53
N ALA A 161 -5.50 -9.80 -31.87
CA ALA A 161 -6.30 -8.60 -31.73
C ALA A 161 -5.81 -7.58 -30.68
N GLY A 162 -4.78 -7.91 -29.87
CA GLY A 162 -4.28 -6.91 -28.88
C GLY A 162 -5.33 -6.49 -27.84
N ALA A 163 -6.26 -7.38 -27.58
CA ALA A 163 -7.36 -7.11 -26.68
C ALA A 163 -6.93 -7.21 -25.21
N ARG A 164 -6.13 -8.23 -24.86
CA ARG A 164 -5.82 -8.42 -23.45
C ARG A 164 -4.30 -8.43 -23.07
N LEU A 165 -3.46 -8.78 -24.05
CA LEU A 165 -2.05 -9.01 -23.90
C LEU A 165 -1.27 -8.03 -24.79
N CYS A 166 -0.31 -7.31 -24.17
CA CYS A 166 0.43 -6.22 -24.83
C CYS A 166 1.92 -6.37 -24.46
N VAL A 167 2.82 -5.81 -25.28
CA VAL A 167 4.26 -5.79 -24.96
C VAL A 167 4.66 -4.35 -25.08
N ARG A 168 5.55 -3.88 -24.20
CA ARG A 168 6.13 -2.59 -24.50
C ARG A 168 7.47 -2.44 -23.80
N PRO A 169 8.31 -1.52 -24.28
CA PRO A 169 9.59 -1.35 -23.61
C PRO A 169 9.45 -0.53 -22.32
N MSE A 170 10.35 -0.78 -21.36
CA MSE A 170 10.35 -0.02 -20.15
C MSE A 170 10.49 1.50 -20.42
O MSE A 170 9.86 2.35 -19.69
CB MSE A 170 11.53 -0.56 -19.20
CG MSE A 170 11.54 0.21 -17.77
SE MSE A 170 9.85 -0.30 -16.81
CE MSE A 170 10.33 -2.14 -16.42
N SER A 171 11.27 1.89 -21.42
CA SER A 171 11.49 3.33 -21.77
C SER A 171 10.21 4.02 -22.18
N GLU A 172 9.23 3.29 -22.68
CA GLU A 172 7.98 3.93 -23.05
C GLU A 172 7.26 4.60 -21.83
N PHE A 173 7.49 4.06 -20.63
CA PHE A 173 6.92 4.65 -19.40
C PHE A 173 7.55 5.98 -19.00
N GLN A 174 8.66 6.36 -19.63
CA GLN A 174 9.25 7.66 -19.29
C GLN A 174 8.36 8.82 -19.68
N SER A 175 7.42 8.61 -20.59
CA SER A 175 6.51 9.71 -20.82
C SER A 175 5.19 9.59 -20.01
N ASN A 176 5.09 8.59 -19.12
CA ASN A 176 3.90 8.40 -18.31
C ASN A 176 4.06 9.26 -17.02
N GLU A 177 3.13 10.19 -16.76
CA GLU A 177 3.27 11.04 -15.57
C GLU A 177 3.32 10.27 -14.22
N ALA A 178 2.48 9.25 -13.97
CA ALA A 178 2.58 8.52 -12.70
C ALA A 178 4.01 7.85 -12.57
N TYR A 179 4.53 7.27 -13.66
CA TYR A 179 5.83 6.62 -13.61
C TYR A 179 6.84 7.69 -13.22
N ARG A 180 6.79 8.83 -13.93
CA ARG A 180 7.75 9.88 -13.65
C ARG A 180 7.70 10.39 -12.17
N GLU A 181 6.50 10.51 -11.60
CA GLU A 181 6.35 10.89 -10.21
C GLU A 181 6.90 9.82 -9.26
N LEU A 182 6.60 8.57 -9.53
CA LEU A 182 7.17 7.48 -8.72
C LEU A 182 8.70 7.48 -8.80
N HIS A 183 9.26 7.62 -9.99
CA HIS A 183 10.74 7.57 -10.20
C HIS A 183 11.41 8.75 -9.46
N ALA A 184 10.89 9.97 -9.66
CA ALA A 184 11.47 11.17 -9.02
C ALA A 184 11.41 11.05 -7.49
N ASP A 185 10.25 10.64 -6.95
CA ASP A 185 10.12 10.43 -5.51
C ASP A 185 11.18 9.45 -5.00
N LEU A 186 11.37 8.35 -5.72
CA LEU A 186 12.33 7.32 -5.31
C LEU A 186 13.73 7.90 -5.28
N LEU A 187 14.09 8.57 -6.36
CA LEU A 187 15.42 9.26 -6.42
C LEU A 187 15.59 10.29 -5.28
N THR A 188 14.54 11.02 -4.95
CA THR A 188 14.65 12.06 -3.92
C THR A 188 14.87 11.39 -2.56
N ARG A 189 14.10 10.36 -2.26
CA ARG A 189 14.31 9.62 -1.00
C ARG A 189 15.70 9.01 -0.87
N LEU A 190 16.23 8.40 -1.92
CA LEU A 190 17.59 7.93 -1.87
C LEU A 190 18.60 9.07 -1.59
N LYS A 191 18.33 10.29 -2.12
CA LYS A 191 19.30 11.36 -2.05
C LYS A 191 19.26 11.91 -0.65
N ASP A 192 18.05 12.04 -0.14
CA ASP A 192 17.81 12.61 1.15
C ASP A 192 17.98 11.71 2.36
N ASP A 193 17.88 10.40 2.17
CA ASP A 193 17.85 9.53 3.32
C ASP A 193 18.96 8.46 3.26
N GLU A 194 20.07 8.67 3.98
CA GLU A 194 21.21 7.81 3.78
C GLU A 194 20.97 6.44 4.40
N ASP A 195 20.09 6.30 5.39
CA ASP A 195 19.81 4.96 5.94
C ASP A 195 19.03 4.10 4.93
N MSE A 196 18.03 4.70 4.33
CA MSE A 196 17.29 4.03 3.26
C MSE A 196 18.18 3.69 2.10
O MSE A 196 18.17 2.56 1.59
CB MSE A 196 16.09 4.91 2.81
CG MSE A 196 15.04 4.09 2.06
SE MSE A 196 14.37 5.14 0.59
CE MSE A 196 16.16 4.94 -0.01
N ARG A 197 18.98 4.66 1.67
CA ARG A 197 19.96 4.36 0.65
C ARG A 197 20.91 3.20 0.99
N ALA A 198 21.38 3.18 2.24
CA ALA A 198 22.34 2.06 2.64
C ALA A 198 21.66 0.68 2.56
N VAL A 199 20.42 0.60 3.05
CA VAL A 199 19.64 -0.65 2.90
C VAL A 199 19.54 -1.05 1.44
N CYS A 200 19.16 -0.10 0.55
CA CYS A 200 19.08 -0.40 -0.91
C CYS A 200 20.45 -0.80 -1.45
N GLN A 201 21.56 -0.20 -1.00
CA GLN A 201 22.89 -0.65 -1.53
C GLN A 201 23.21 -2.05 -1.08
N ASP A 202 22.86 -2.41 0.19
CA ASP A 202 23.12 -3.74 0.63
C ASP A 202 22.34 -4.71 -0.29
N LEU A 203 21.07 -4.39 -0.54
CA LEU A 203 20.19 -5.24 -1.40
C LEU A 203 20.78 -5.30 -2.82
N VAL A 204 21.34 -4.22 -3.34
CA VAL A 204 22.01 -4.33 -4.62
C VAL A 204 23.21 -5.27 -4.56
N ARG A 205 24.10 -5.15 -3.55
CA ARG A 205 25.29 -5.98 -3.46
C ARG A 205 24.86 -7.43 -3.30
N ARG A 206 23.81 -7.72 -2.52
CA ARG A 206 23.36 -9.12 -2.39
C ARG A 206 22.95 -9.65 -3.79
N PHE A 207 22.15 -8.87 -4.53
CA PHE A 207 21.71 -9.29 -5.84
C PHE A 207 22.90 -9.49 -6.82
N LEU A 208 23.90 -8.58 -6.78
CA LEU A 208 25.04 -8.72 -7.68
C LEU A 208 25.90 -9.90 -7.30
N SER A 209 25.96 -10.23 -6.01
CA SER A 209 26.83 -11.31 -5.57
C SER A 209 26.33 -12.70 -6.06
N THR A 210 25.06 -12.76 -6.52
CA THR A 210 24.44 -13.94 -7.14
C THR A 210 24.68 -14.05 -8.69
N LYS A 211 24.94 -12.92 -9.37
CA LYS A 211 24.94 -12.81 -10.86
C LYS A 211 26.30 -12.41 -11.43
N GLY A 217 34.38 -9.48 -5.64
CA GLY A 217 32.97 -9.28 -5.99
C GLY A 217 32.86 -8.12 -7.05
N ALA A 218 31.88 -7.19 -6.89
CA ALA A 218 31.55 -6.10 -7.86
C ALA A 218 32.24 -4.73 -7.62
N THR A 219 32.33 -3.90 -8.64
CA THR A 219 33.00 -2.61 -8.51
C THR A 219 31.96 -1.56 -8.11
N ALA A 220 32.41 -0.38 -7.75
CA ALA A 220 31.49 0.72 -7.46
C ALA A 220 30.58 1.06 -8.68
N THR A 221 31.17 1.02 -9.88
CA THR A 221 30.44 1.30 -11.08
C THR A 221 29.37 0.26 -11.34
N GLN A 222 29.67 -1.04 -11.20
CA GLN A 222 28.65 -2.05 -11.39
C GLN A 222 27.45 -1.82 -10.41
N GLU A 223 27.78 -1.40 -9.16
CA GLU A 223 26.73 -1.13 -8.13
C GLU A 223 25.89 0.04 -8.50
N GLN A 224 26.53 1.14 -8.91
CA GLN A 224 25.79 2.33 -9.30
C GLN A 224 24.89 2.05 -10.54
N VAL A 225 25.41 1.34 -11.56
CA VAL A 225 24.56 1.06 -12.74
C VAL A 225 23.40 0.12 -12.35
N CYS A 226 23.68 -0.87 -11.51
CA CYS A 226 22.62 -1.77 -11.08
C CYS A 226 21.52 -0.99 -10.29
N MSE A 227 21.96 -0.09 -9.41
CA MSE A 227 20.98 0.82 -8.71
C MSE A 227 20.15 1.60 -9.74
O MSE A 227 18.93 1.78 -9.59
CB MSE A 227 21.71 1.76 -7.75
CG MSE A 227 20.79 2.79 -6.95
SE MSE A 227 19.72 1.76 -5.66
CE MSE A 227 21.30 1.60 -4.36
N ASP A 228 20.80 2.08 -10.82
CA ASP A 228 20.05 2.85 -11.81
C ASP A 228 19.00 1.97 -12.52
N TYR A 229 19.40 0.77 -12.86
CA TYR A 229 18.60 -0.22 -13.61
C TYR A 229 17.37 -0.59 -12.73
N ILE A 230 17.61 -0.83 -11.43
CA ILE A 230 16.52 -1.22 -10.47
C ILE A 230 15.59 -0.03 -10.19
N CYS A 231 16.16 1.16 -10.05
CA CYS A 231 15.35 2.37 -9.95
C CYS A 231 14.41 2.62 -11.17
N ALA A 232 14.88 2.35 -12.40
CA ALA A 232 14.08 2.43 -13.57
C ALA A 232 12.89 1.42 -13.67
N GLU A 233 13.06 0.21 -13.19
CA GLU A 233 11.96 -0.78 -13.10
C GLU A 233 11.05 -0.52 -11.89
N ALA A 234 11.61 0.09 -10.85
CA ALA A 234 10.88 0.20 -9.54
C ALA A 234 9.40 0.76 -9.62
N PRO A 235 9.12 1.80 -10.45
CA PRO A 235 7.74 2.32 -10.44
C PRO A 235 6.69 1.24 -10.76
N LEU A 236 7.01 0.27 -11.59
CA LEU A 236 6.12 -0.87 -11.88
C LEU A 236 6.02 -1.82 -10.72
N PHE A 237 7.06 -1.83 -9.88
CA PHE A 237 6.97 -2.64 -8.63
C PHE A 237 6.28 -1.92 -7.51
N LEU A 238 6.13 -0.58 -7.62
CA LEU A 238 5.47 0.28 -6.61
C LEU A 238 3.98 0.47 -6.92
N ASP A 239 3.69 0.75 -8.19
CA ASP A 239 2.30 1.21 -8.51
C ASP A 239 1.92 1.09 -9.96
N THR A 240 1.96 -0.14 -10.48
CA THR A 240 1.44 -0.43 -11.80
C THR A 240 -0.04 0.01 -11.93
N PRO A 241 -0.86 -0.14 -10.88
CA PRO A 241 -2.25 0.43 -11.03
C PRO A 241 -2.29 1.90 -11.41
N ALA A 242 -1.48 2.76 -10.80
CA ALA A 242 -1.35 4.18 -11.21
C ALA A 242 -0.84 4.35 -12.63
N ILE A 243 0.13 3.54 -13.04
CA ILE A 243 0.79 3.79 -14.32
C ILE A 243 -0.10 3.27 -15.48
N LEU A 244 -0.70 2.10 -15.29
CA LEU A 244 -1.48 1.44 -16.35
C LEU A 244 -3.01 1.59 -16.19
N GLY A 245 -3.47 2.18 -15.08
CA GLY A 245 -4.90 2.36 -14.81
C GLY A 245 -5.65 1.04 -14.67
N VAL A 246 -5.14 0.05 -13.91
CA VAL A 246 -5.81 -1.22 -13.72
C VAL A 246 -6.15 -1.28 -12.19
N PRO A 247 -7.09 -2.12 -11.77
CA PRO A 247 -7.51 -2.09 -10.35
C PRO A 247 -6.40 -2.57 -9.40
N SER A 248 -5.65 -3.60 -9.83
CA SER A 248 -4.56 -4.12 -8.99
C SER A 248 -3.62 -4.81 -9.95
N SER A 249 -2.42 -5.14 -9.49
CA SER A 249 -1.54 -5.79 -10.46
C SER A 249 -0.52 -6.62 -9.73
N LEU A 250 -0.18 -7.78 -10.29
CA LEU A 250 0.85 -8.63 -9.75
C LEU A 250 2.09 -8.57 -10.64
N ASN A 251 3.22 -8.12 -10.07
CA ASN A 251 4.44 -7.98 -10.85
C ASN A 251 5.25 -9.27 -10.74
N CYS A 252 5.44 -9.97 -11.89
CA CYS A 252 5.93 -11.37 -11.82
C CYS A 252 7.28 -11.58 -12.41
N TYR A 253 8.13 -12.33 -11.70
CA TYR A 253 9.48 -12.64 -12.25
C TYR A 253 9.89 -13.97 -11.69
N HIS A 254 10.91 -14.58 -12.29
CA HIS A 254 11.30 -15.90 -11.85
C HIS A 254 12.32 -15.85 -10.71
N GLN A 255 12.66 -14.65 -10.23
CA GLN A 255 13.52 -14.47 -9.03
C GLN A 255 12.86 -13.37 -8.20
N SER A 256 12.96 -13.36 -6.86
CA SER A 256 12.34 -12.20 -6.15
C SER A 256 13.09 -10.90 -6.45
N LEU A 257 12.34 -9.83 -6.64
CA LEU A 257 12.89 -8.52 -6.82
C LEU A 257 13.89 -8.19 -5.68
N PRO A 258 15.07 -7.58 -6.01
CA PRO A 258 16.05 -7.25 -4.96
C PRO A 258 15.50 -6.28 -3.88
N LEU A 259 14.61 -5.37 -4.24
CA LEU A 259 14.05 -4.45 -3.25
C LEU A 259 12.74 -4.97 -2.59
N ALA A 260 12.29 -6.16 -2.97
CA ALA A 260 11.02 -6.69 -2.39
C ALA A 260 10.92 -6.63 -0.89
N GLU A 261 12.00 -6.93 -0.18
CA GLU A 261 12.02 -6.95 1.23
C GLU A 261 11.67 -5.61 1.82
N MSE A 262 11.97 -4.53 1.11
CA MSE A 262 11.57 -3.19 1.56
C MSE A 262 10.14 -2.80 1.05
O MSE A 262 9.28 -2.36 1.83
CB MSE A 262 12.55 -2.13 1.02
CG MSE A 262 12.16 -0.75 1.43
SE MSE A 262 13.44 0.57 0.77
CE MSE A 262 14.96 0.03 1.95
N LEU A 263 9.93 -2.93 -0.28
CA LEU A 263 8.72 -2.37 -0.92
C LEU A 263 7.43 -3.05 -0.44
N TYR A 264 7.54 -4.34 -0.11
CA TYR A 264 6.35 -5.12 0.36
C TYR A 264 6.36 -5.41 1.89
N ALA A 265 7.06 -4.59 2.66
CA ALA A 265 7.27 -4.89 4.06
C ALA A 265 6.16 -4.24 4.88
N ARG A 266 5.97 -4.76 6.10
CA ARG A 266 5.27 -4.01 7.18
C ARG A 266 6.06 -2.77 7.53
N GLY A 267 5.52 -1.94 8.41
CA GLY A 267 6.21 -0.74 8.79
C GLY A 267 5.88 0.40 7.85
N SER A 268 6.80 1.36 7.76
CA SER A 268 6.55 2.54 6.92
C SER A 268 7.87 2.96 6.28
N GLY A 269 7.76 3.76 5.25
CA GLY A 269 8.93 4.14 4.43
C GLY A 269 8.47 4.14 2.95
N LEU A 270 9.36 3.74 2.06
CA LEU A 270 8.99 3.53 0.66
C LEU A 270 8.24 2.21 0.61
N ARG A 271 6.96 2.20 0.20
CA ARG A 271 6.17 1.00 0.13
C ARG A 271 5.34 0.97 -1.16
N ALA A 272 5.22 -0.20 -1.74
CA ALA A 272 4.33 -0.37 -2.90
C ALA A 272 2.89 -0.07 -2.47
N SER A 273 2.10 0.31 -3.44
CA SER A 273 0.67 0.61 -3.26
C SER A 273 -0.01 -0.59 -2.66
N ARG A 274 -1.02 -0.35 -1.84
CA ARG A 274 -1.85 -1.47 -1.32
C ARG A 274 -2.46 -2.31 -2.44
N ASN A 275 -2.52 -1.82 -3.66
CA ASN A 275 -3.10 -2.57 -4.85
C ASN A 275 -2.06 -3.22 -5.77
N GLN A 276 -0.79 -3.15 -5.29
CA GLN A 276 0.32 -3.73 -6.05
C GLN A 276 0.89 -4.97 -5.33
N GLY A 277 1.12 -6.06 -6.04
CA GLY A 277 1.78 -7.21 -5.43
C GLY A 277 2.92 -7.75 -6.28
N HIS A 278 3.65 -8.69 -5.71
CA HIS A 278 4.76 -9.36 -6.44
C HIS A 278 4.59 -10.86 -6.27
N ALA A 279 4.91 -11.63 -7.33
CA ALA A 279 5.01 -13.04 -7.23
C ALA A 279 6.23 -13.56 -7.96
N ILE A 280 6.82 -14.61 -7.39
CA ILE A 280 7.91 -15.30 -8.03
C ILE A 280 7.27 -16.46 -8.83
N VAL A 281 7.54 -16.50 -10.12
CA VAL A 281 6.83 -17.41 -11.04
C VAL A 281 7.87 -18.21 -11.76
N THR A 282 7.90 -19.53 -11.50
CA THR A 282 8.99 -20.41 -11.97
C THR A 282 8.42 -21.67 -12.64
N PRO A 283 9.18 -22.34 -13.53
CA PRO A 283 8.57 -23.54 -14.23
C PRO A 283 8.31 -24.66 -13.20
N ASP A 284 7.21 -25.43 -13.26
CA ASP A 284 6.92 -26.47 -12.23
C ASP A 284 7.84 -27.67 -12.43
N PHE B 49 -16.27 3.23 -6.95
CA PHE B 49 -15.11 2.56 -6.26
C PHE B 49 -15.44 1.09 -6.03
N GLN B 50 -14.43 0.24 -6.03
CA GLN B 50 -14.63 -1.14 -5.70
C GLN B 50 -13.48 -1.69 -4.82
N LEU B 51 -13.82 -2.67 -3.98
CA LEU B 51 -12.95 -3.16 -2.91
C LEU B 51 -12.27 -4.50 -3.23
N GLY B 52 -12.58 -5.10 -4.37
CA GLY B 52 -12.02 -6.40 -4.68
C GLY B 52 -13.13 -7.43 -4.79
N ARG B 53 -12.79 -8.63 -5.24
CA ARG B 53 -13.76 -9.66 -5.61
C ARG B 53 -14.57 -10.26 -4.43
N ARG B 54 -14.00 -10.24 -3.21
CA ARG B 54 -14.66 -10.75 -2.00
C ARG B 54 -14.71 -9.62 -0.92
N ILE B 55 -15.78 -9.62 -0.11
CA ILE B 55 -15.96 -8.68 1.04
C ILE B 55 -15.87 -9.59 2.28
N PRO B 56 -15.12 -9.15 3.31
CA PRO B 56 -15.07 -10.05 4.44
C PRO B 56 -16.42 -10.05 5.18
N GLU B 57 -16.74 -11.20 5.77
CA GLU B 57 -17.84 -11.25 6.74
C GLU B 57 -17.33 -10.97 8.15
N ALA B 58 -18.27 -10.63 9.04
CA ALA B 58 -17.99 -10.40 10.44
C ALA B 58 -17.47 -11.65 11.12
N THR B 59 -16.51 -11.46 12.01
CA THR B 59 -16.14 -12.53 12.91
C THR B 59 -16.44 -12.13 14.39
N ALA B 60 -17.01 -13.03 15.20
CA ALA B 60 -17.28 -12.68 16.62
C ALA B 60 -16.08 -12.84 17.55
N GLN B 61 -15.78 -11.81 18.32
CA GLN B 61 -14.63 -11.81 19.21
C GLN B 61 -14.92 -11.08 20.51
N GLU B 62 -14.81 -11.78 21.64
CA GLU B 62 -14.96 -11.18 22.99
C GLU B 62 -16.06 -10.16 23.05
N GLY B 63 -17.22 -10.49 22.48
CA GLY B 63 -18.41 -9.61 22.58
C GLY B 63 -18.63 -8.64 21.44
N PHE B 64 -17.70 -8.61 20.43
CA PHE B 64 -17.91 -7.73 19.29
C PHE B 64 -18.03 -8.49 18.01
N LEU B 65 -18.75 -7.91 17.05
CA LEU B 65 -18.65 -8.39 15.69
C LEU B 65 -17.56 -7.50 15.06
N VAL B 66 -16.58 -8.11 14.44
CA VAL B 66 -15.45 -7.33 13.84
C VAL B 66 -15.55 -7.56 12.32
N ARG B 67 -15.83 -6.51 11.54
CA ARG B 67 -15.97 -6.75 10.09
C ARG B 67 -14.84 -5.94 9.37
N PRO B 68 -13.75 -6.62 8.99
CA PRO B 68 -12.69 -5.93 8.19
C PRO B 68 -13.32 -5.40 6.93
N PHE B 69 -12.91 -4.19 6.51
CA PHE B 69 -13.50 -3.51 5.39
C PHE B 69 -13.16 -4.17 4.05
N THR B 70 -11.98 -4.78 3.94
CA THR B 70 -11.52 -5.43 2.67
C THR B 70 -10.80 -6.66 3.08
N GLN B 71 -10.53 -7.52 2.12
CA GLN B 71 -9.78 -8.77 2.40
C GLN B 71 -8.37 -8.50 2.97
N GLN B 72 -7.73 -7.46 2.51
CA GLN B 72 -6.36 -7.14 3.07
C GLN B 72 -6.51 -6.58 4.48
N CYS B 73 -7.58 -5.83 4.76
CA CYS B 73 -7.88 -5.41 6.15
C CYS B 73 -8.00 -6.62 7.06
N GLN B 74 -8.58 -7.70 6.54
CA GLN B 74 -8.69 -8.95 7.27
C GLN B 74 -7.32 -9.56 7.59
N ILE B 75 -6.39 -9.58 6.62
CA ILE B 75 -5.05 -10.04 6.92
C ILE B 75 -4.45 -9.14 8.03
N ILE B 76 -4.67 -7.83 7.95
CA ILE B 76 -4.06 -6.97 8.96
C ILE B 76 -4.72 -7.17 10.35
N HIS B 77 -6.05 -7.43 10.34
CA HIS B 77 -6.73 -7.78 11.60
C HIS B 77 -6.00 -9.02 12.21
N THR B 78 -5.80 -10.06 11.42
CA THR B 78 -5.19 -11.31 11.90
C THR B 78 -3.74 -11.15 12.31
N GLU B 79 -3.01 -10.26 11.67
CA GLU B 79 -1.68 -9.96 12.12
C GLU B 79 -1.64 -9.48 13.58
N GLY B 80 -2.66 -8.77 14.02
CA GLY B 80 -2.75 -8.36 15.45
C GLY B 80 -1.62 -7.46 15.95
N ASP B 81 -1.04 -6.60 15.12
CA ASP B 81 -0.05 -5.66 15.61
C ASP B 81 -0.61 -4.48 16.43
N HIS B 82 -1.64 -3.83 15.92
CA HIS B 82 -2.05 -2.57 16.46
C HIS B 82 -3.51 -2.21 16.06
N ALA B 83 -4.26 -1.63 16.98
CA ALA B 83 -5.56 -1.09 16.62
C ALA B 83 -5.63 0.31 17.14
N VAL B 84 -6.25 1.16 16.33
CA VAL B 84 -6.72 2.43 16.74
C VAL B 84 -8.25 2.25 17.03
N ILE B 85 -8.64 2.60 18.25
CA ILE B 85 -10.07 2.64 18.64
C ILE B 85 -10.47 4.10 18.80
N GLY B 86 -11.12 4.61 17.76
CA GLY B 86 -11.50 6.03 17.77
C GLY B 86 -12.71 6.22 18.74
N VAL B 87 -12.75 7.34 19.46
CA VAL B 87 -13.82 7.61 20.45
C VAL B 87 -14.24 9.06 20.19
N SER B 88 -15.55 9.29 20.05
CA SER B 88 -16.08 10.65 19.86
C SER B 88 -16.61 11.09 21.17
N PRO B 89 -16.39 12.37 21.52
CA PRO B 89 -16.99 12.88 22.80
C PRO B 89 -18.52 13.06 22.64
N GLY B 90 -19.29 13.15 23.72
CA GLY B 90 -20.73 13.45 23.61
C GLY B 90 -21.50 12.39 22.85
N ASN B 91 -20.97 11.18 22.80
CA ASN B 91 -21.65 10.10 22.09
C ASN B 91 -21.88 8.93 23.10
N SER B 92 -23.14 8.72 23.49
CA SER B 92 -23.43 7.77 24.57
C SER B 92 -23.12 6.31 24.15
N TYR B 93 -22.84 6.03 22.88
CA TYR B 93 -22.25 4.69 22.57
C TYR B 93 -21.06 4.36 23.48
N PHE B 94 -20.23 5.35 23.79
CA PHE B 94 -19.04 5.11 24.62
C PHE B 94 -19.24 5.21 26.14
N SER B 95 -20.05 4.33 26.73
CA SER B 95 -20.24 4.29 28.16
C SER B 95 -18.96 3.73 28.70
N ARG B 96 -18.78 3.82 30.02
CA ARG B 96 -17.64 3.20 30.69
C ARG B 96 -17.56 1.71 30.46
N GLN B 97 -18.72 1.03 30.44
CA GLN B 97 -18.73 -0.39 30.16
C GLN B 97 -18.23 -0.70 28.76
N ARG B 98 -18.78 0.02 27.80
CA ARG B 98 -18.39 -0.20 26.42
C ARG B 98 -16.88 0.04 26.18
N LEU B 99 -16.31 1.08 26.80
CA LEU B 99 -14.89 1.39 26.71
C LEU B 99 -14.09 0.31 27.36
N ARG B 100 -14.61 -0.26 28.44
CA ARG B 100 -13.89 -1.34 29.04
C ARG B 100 -13.95 -2.58 28.15
N ASP B 101 -15.08 -2.82 27.53
CA ASP B 101 -15.20 -4.03 26.73
C ASP B 101 -14.27 -3.95 25.48
N LEU B 102 -14.23 -2.75 24.87
CA LEU B 102 -13.33 -2.47 23.73
C LEU B 102 -11.87 -2.66 24.11
N GLY B 103 -11.50 -2.11 25.27
CA GLY B 103 -10.13 -2.25 25.72
C GLY B 103 -9.73 -3.72 25.97
N LEU B 104 -10.65 -4.54 26.53
CA LEU B 104 -10.37 -5.97 26.67
C LEU B 104 -10.23 -6.67 25.33
N TRP B 105 -11.14 -6.38 24.40
CA TRP B 105 -11.12 -6.98 23.06
C TRP B 105 -9.74 -6.55 22.41
N GLY B 106 -9.39 -5.30 22.62
CA GLY B 106 -8.12 -4.72 22.05
C GLY B 106 -6.92 -5.47 22.57
N LEU B 107 -6.78 -5.59 23.90
CA LEU B 107 -5.64 -6.29 24.46
C LEU B 107 -5.59 -7.75 24.12
N THR B 108 -6.75 -8.39 23.93
CA THR B 108 -6.72 -9.78 23.55
C THR B 108 -6.20 -9.96 22.09
N ASN B 109 -6.57 -9.04 21.19
CA ASN B 109 -6.38 -9.29 19.78
C ASN B 109 -5.23 -8.47 19.14
N PHE B 110 -4.64 -7.55 19.90
CA PHE B 110 -3.55 -6.70 19.28
C PHE B 110 -2.40 -6.47 20.25
N ASP B 111 -1.18 -6.45 19.70
CA ASP B 111 -0.02 -6.22 20.54
C ASP B 111 -0.07 -4.89 21.23
N ARG B 112 -0.65 -3.91 20.57
CA ARG B 112 -0.73 -2.63 21.16
C ARG B 112 -2.04 -1.98 20.73
N VAL B 113 -2.61 -1.07 21.53
CA VAL B 113 -3.90 -0.48 21.25
C VAL B 113 -3.88 0.93 21.69
N ASP B 114 -4.38 1.83 20.83
CA ASP B 114 -4.44 3.25 21.15
C ASP B 114 -5.86 3.69 21.03
N PHE B 115 -6.47 4.11 22.14
CA PHE B 115 -7.70 4.91 22.05
C PHE B 115 -7.32 6.28 21.62
N VAL B 116 -8.09 6.83 20.65
CA VAL B 116 -7.79 8.18 20.25
C VAL B 116 -9.12 8.90 20.28
N TYR B 117 -9.22 9.90 21.15
CA TYR B 117 -10.48 10.68 21.18
C TYR B 117 -10.35 11.99 20.41
N THR B 118 -11.42 12.37 19.72
CA THR B 118 -11.44 13.58 18.93
C THR B 118 -11.62 14.79 19.83
N ASP B 119 -10.60 15.63 19.89
CA ASP B 119 -10.74 16.90 20.58
C ASP B 119 -10.57 18.06 19.61
N VAL B 120 -10.80 17.85 18.30
CA VAL B 120 -10.63 19.02 17.39
C VAL B 120 -11.83 19.13 16.52
N HIS B 121 -12.22 20.38 16.18
CA HIS B 121 -13.44 20.61 15.36
C HIS B 121 -14.70 20.19 16.01
N VAL B 122 -14.66 19.96 17.33
CA VAL B 122 -15.83 19.58 18.10
C VAL B 122 -16.79 20.76 18.30
N ALA B 123 -16.29 21.90 18.79
CA ALA B 123 -17.20 23.08 18.91
C ALA B 123 -17.81 23.46 17.57
N GLU B 124 -16.98 23.49 16.50
CA GLU B 124 -17.40 23.80 15.12
C GLU B 124 -18.54 22.91 14.69
N SER B 125 -18.50 21.64 15.06
CA SER B 125 -19.57 20.81 14.57
C SER B 125 -20.81 20.94 15.45
N TYR B 126 -20.66 21.40 16.69
CA TYR B 126 -21.86 21.73 17.46
C TYR B 126 -22.52 22.96 16.86
N GLU B 127 -21.72 23.94 16.43
CA GLU B 127 -22.23 25.15 15.86
C GLU B 127 -23.00 24.86 14.54
N ALA B 128 -22.44 23.97 13.72
CA ALA B 128 -23.12 23.57 12.48
C ALA B 128 -24.40 22.81 12.80
N LEU B 129 -24.53 22.14 13.94
CA LEU B 129 -25.85 21.61 14.37
C LEU B 129 -26.88 22.64 14.87
N GLY B 130 -26.56 23.93 14.86
CA GLY B 130 -27.44 24.94 15.44
C GLY B 130 -27.01 25.59 16.77
N ASP B 131 -26.08 25.01 17.55
CA ASP B 131 -25.73 25.67 18.87
C ASP B 131 -25.16 27.06 18.62
N SER B 132 -25.33 27.99 19.56
CA SER B 132 -24.61 29.28 19.47
C SER B 132 -23.13 29.02 19.61
N ALA B 133 -22.29 30.01 19.25
CA ALA B 133 -20.82 29.85 19.48
C ALA B 133 -20.50 29.53 20.91
N ILE B 134 -21.17 30.22 21.84
CA ILE B 134 -20.84 29.98 23.22
C ILE B 134 -21.35 28.62 23.73
N GLU B 135 -22.55 28.22 23.33
CA GLU B 135 -23.06 26.89 23.73
C GLU B 135 -22.11 25.78 23.24
N ALA B 136 -21.74 25.91 21.98
CA ALA B 136 -20.86 24.98 21.34
C ALA B 136 -19.48 24.95 22.05
N ARG B 137 -18.90 26.12 22.26
CA ARG B 137 -17.62 26.23 22.96
C ARG B 137 -17.67 25.52 24.31
N ARG B 138 -18.72 25.78 25.10
CA ARG B 138 -18.75 25.21 26.43
C ARG B 138 -19.06 23.68 26.45
N LYS B 139 -19.95 23.25 25.58
CA LYS B 139 -20.32 21.84 25.48
C LYS B 139 -19.08 21.04 25.01
N ALA B 140 -18.25 21.63 24.15
CA ALA B 140 -17.03 20.97 23.69
C ALA B 140 -16.06 20.78 24.85
N VAL B 141 -15.81 21.81 25.66
CA VAL B 141 -14.97 21.64 26.84
C VAL B 141 -15.51 20.51 27.71
N LYS B 142 -16.82 20.52 27.96
CA LYS B 142 -17.42 19.57 28.90
C LYS B 142 -17.29 18.11 28.35
N ASN B 143 -17.65 17.95 27.09
CA ASN B 143 -17.74 16.66 26.43
C ASN B 143 -16.38 16.02 26.24
N ILE B 144 -15.35 16.81 25.85
CA ILE B 144 -13.99 16.34 25.73
C ILE B 144 -13.43 16.00 27.13
N ARG B 145 -13.61 16.87 28.12
CA ARG B 145 -13.14 16.52 29.46
C ARG B 145 -13.78 15.18 29.90
N GLY B 146 -15.07 15.02 29.63
CA GLY B 146 -15.80 13.83 30.12
C GLY B 146 -15.31 12.53 29.44
N VAL B 147 -15.12 12.56 28.11
CA VAL B 147 -14.71 11.34 27.43
C VAL B 147 -13.28 11.00 27.77
N ARG B 148 -12.48 12.05 27.92
CA ARG B 148 -11.13 11.87 28.35
C ARG B 148 -11.02 11.20 29.70
N ALA B 149 -11.81 11.69 30.67
CA ALA B 149 -11.85 11.00 31.97
C ALA B 149 -12.31 9.52 31.91
N LYS B 150 -13.40 9.24 31.21
CA LYS B 150 -13.85 7.87 31.09
C LYS B 150 -12.79 6.94 30.41
N ILE B 151 -12.11 7.42 29.34
CA ILE B 151 -11.10 6.56 28.71
C ILE B 151 -9.92 6.39 29.60
N THR B 152 -9.50 7.48 30.25
CA THR B 152 -8.31 7.43 31.09
C THR B 152 -8.52 6.46 32.26
N THR B 153 -9.72 6.48 32.84
CA THR B 153 -10.00 5.51 33.93
C THR B 153 -9.95 4.09 33.39
N THR B 154 -10.57 3.87 32.24
CA THR B 154 -10.49 2.55 31.60
C THR B 154 -9.08 2.04 31.41
N VAL B 155 -8.23 2.89 30.80
CA VAL B 155 -6.84 2.53 30.55
C VAL B 155 -6.08 2.25 31.88
N ASN B 156 -6.31 3.09 32.89
CA ASN B 156 -5.57 2.89 34.14
C ASN B 156 -5.97 1.58 34.85
N GLU B 157 -7.21 1.17 34.72
CA GLU B 157 -7.70 -0.10 35.22
C GLU B 157 -7.10 -1.25 34.45
N LEU B 158 -7.15 -1.20 33.08
CA LEU B 158 -6.83 -2.37 32.27
C LEU B 158 -5.34 -2.49 32.11
N ASP B 159 -4.62 -1.40 32.24
CA ASP B 159 -3.23 -1.40 31.96
C ASP B 159 -2.52 -0.31 32.75
N PRO B 160 -2.32 -0.56 34.08
CA PRO B 160 -1.72 0.49 34.93
C PRO B 160 -0.35 0.90 34.52
N ALA B 161 0.49 -0.05 34.10
CA ALA B 161 1.83 0.25 33.62
C ALA B 161 1.80 1.06 32.29
N GLY B 162 0.68 1.02 31.56
CA GLY B 162 0.65 1.72 30.26
C GLY B 162 1.56 1.00 29.28
N ALA B 163 1.69 -0.30 29.45
CA ALA B 163 2.62 -1.07 28.65
C ALA B 163 2.04 -1.33 27.23
N ARG B 164 0.75 -1.46 27.04
CA ARG B 164 0.24 -1.86 25.73
C ARG B 164 -0.94 -1.02 25.26
N LEU B 165 -1.61 -0.39 26.20
CA LEU B 165 -2.84 0.36 25.93
C LEU B 165 -2.62 1.85 26.35
N CYS B 166 -3.00 2.80 25.48
CA CYS B 166 -2.85 4.20 25.73
C CYS B 166 -4.07 4.94 25.23
N VAL B 167 -4.20 6.16 25.70
CA VAL B 167 -5.22 7.06 25.20
C VAL B 167 -4.50 8.34 24.86
N ARG B 168 -4.88 8.94 23.75
CA ARG B 168 -4.44 10.29 23.49
C ARG B 168 -5.47 11.07 22.70
N PRO B 169 -5.40 12.40 22.80
CA PRO B 169 -6.29 13.25 22.01
C PRO B 169 -5.78 13.30 20.57
N MSE B 170 -6.70 13.45 19.62
CA MSE B 170 -6.34 13.58 18.21
C MSE B 170 -5.35 14.76 18.04
O MSE B 170 -4.37 14.62 17.29
CB MSE B 170 -7.60 13.74 17.34
CG MSE B 170 -7.35 13.81 15.81
SE MSE B 170 -6.67 12.15 15.16
CE MSE B 170 -8.36 11.20 15.25
N SER B 171 -5.53 15.86 18.79
CA SER B 171 -4.63 17.03 18.62
C SER B 171 -3.15 16.71 18.91
N GLU B 172 -2.86 15.70 19.75
CA GLU B 172 -1.47 15.35 20.01
C GLU B 172 -0.71 14.98 18.71
N PHE B 173 -1.42 14.51 17.68
CA PHE B 173 -0.71 14.08 16.48
C PHE B 173 -0.26 15.26 15.66
N GLN B 174 -0.84 16.43 15.95
CA GLN B 174 -0.47 17.65 15.28
C GLN B 174 0.99 17.94 15.41
N SER B 175 1.66 17.41 16.44
CA SER B 175 3.09 17.59 16.49
C SER B 175 3.92 16.47 15.85
N ASN B 176 3.26 15.55 15.17
CA ASN B 176 3.95 14.41 14.64
C ASN B 176 4.21 14.71 13.18
N GLU B 177 5.43 14.51 12.72
CA GLU B 177 5.82 14.84 11.31
C GLU B 177 5.10 14.03 10.17
N ALA B 178 5.04 12.69 10.31
CA ALA B 178 4.26 11.90 9.34
C ALA B 178 2.76 12.35 9.31
N TYR B 179 2.15 12.63 10.48
CA TYR B 179 0.78 13.14 10.49
C TYR B 179 0.68 14.46 9.68
N ARG B 180 1.60 15.38 9.93
CA ARG B 180 1.57 16.71 9.23
C ARG B 180 1.73 16.55 7.73
N GLU B 181 2.61 15.63 7.33
CA GLU B 181 2.78 15.38 5.89
C GLU B 181 1.53 14.80 5.26
N LEU B 182 0.90 13.84 5.94
CA LEU B 182 -0.26 13.15 5.37
C LEU B 182 -1.38 14.17 5.29
N HIS B 183 -1.46 15.00 6.32
CA HIS B 183 -2.54 16.00 6.37
C HIS B 183 -2.35 17.11 5.27
N ALA B 184 -1.11 17.60 5.12
CA ALA B 184 -0.79 18.62 4.04
C ALA B 184 -1.06 18.04 2.65
N ASP B 185 -0.60 16.80 2.41
CA ASP B 185 -0.89 16.13 1.10
C ASP B 185 -2.40 15.96 0.87
N LEU B 186 -3.15 15.69 1.92
CA LEU B 186 -4.57 15.54 1.69
C LEU B 186 -5.20 16.92 1.33
N LEU B 187 -4.84 17.96 2.05
CA LEU B 187 -5.33 19.32 1.70
C LEU B 187 -4.85 19.70 0.29
N THR B 188 -3.56 19.58 0.02
CA THR B 188 -2.99 19.82 -1.32
C THR B 188 -3.82 19.15 -2.41
N ARG B 189 -4.12 17.86 -2.29
CA ARG B 189 -4.92 17.16 -3.30
C ARG B 189 -6.33 17.71 -3.42
N LEU B 190 -6.96 18.03 -2.29
CA LEU B 190 -8.31 18.52 -2.33
C LEU B 190 -8.42 19.86 -3.09
N LYS B 191 -7.50 20.79 -2.86
CA LYS B 191 -7.48 22.05 -3.62
C LYS B 191 -7.08 21.90 -5.11
N ASP B 192 -5.92 21.28 -5.37
CA ASP B 192 -5.36 21.10 -6.73
C ASP B 192 -6.10 20.13 -7.65
N ASP B 193 -7.10 19.42 -7.17
CA ASP B 193 -7.72 18.38 -8.01
C ASP B 193 -9.24 18.30 -7.87
N GLU B 194 -9.93 18.90 -8.85
CA GLU B 194 -11.40 19.06 -8.89
C GLU B 194 -12.29 17.84 -8.78
N ASP B 195 -11.90 16.72 -9.43
CA ASP B 195 -12.73 15.50 -9.45
C ASP B 195 -12.73 14.80 -8.08
N MSE B 196 -11.51 14.63 -7.58
CA MSE B 196 -11.21 14.25 -6.20
C MSE B 196 -12.08 15.00 -5.19
O MSE B 196 -12.90 14.39 -4.48
CB MSE B 196 -9.74 14.60 -5.96
CG MSE B 196 -9.35 14.78 -4.49
SE MSE B 196 -8.82 13.09 -3.72
CE MSE B 196 -7.91 13.90 -2.20
N ARG B 197 -11.89 16.31 -5.12
CA ARG B 197 -12.73 17.24 -4.36
C ARG B 197 -14.22 16.90 -4.52
N ALA B 198 -14.67 16.76 -5.77
CA ALA B 198 -16.08 16.49 -6.02
C ALA B 198 -16.54 15.13 -5.46
N VAL B 199 -15.66 14.12 -5.59
CA VAL B 199 -15.99 12.76 -5.09
C VAL B 199 -15.97 12.71 -3.56
N CYS B 200 -15.04 13.41 -2.95
CA CYS B 200 -14.99 13.50 -1.48
C CYS B 200 -16.26 14.18 -0.94
N GLN B 201 -16.62 15.32 -1.55
CA GLN B 201 -17.85 16.05 -1.15
C GLN B 201 -19.08 15.19 -1.28
N ASP B 202 -19.09 14.38 -2.33
CA ASP B 202 -20.15 13.41 -2.49
C ASP B 202 -20.16 12.40 -1.33
N LEU B 203 -19.00 11.82 -1.01
CA LEU B 203 -18.91 10.82 0.10
C LEU B 203 -19.30 11.42 1.46
N VAL B 204 -19.04 12.71 1.63
CA VAL B 204 -19.45 13.47 2.83
C VAL B 204 -20.96 13.73 2.88
N ARG B 205 -21.54 14.30 1.81
CA ARG B 205 -23.00 14.46 1.72
C ARG B 205 -23.74 13.16 2.01
N ARG B 206 -23.20 12.05 1.49
CA ARG B 206 -23.79 10.74 1.75
C ARG B 206 -23.71 10.34 3.24
N PHE B 207 -22.54 10.46 3.87
CA PHE B 207 -22.42 10.36 5.35
C PHE B 207 -23.65 11.02 6.06
N LEU B 208 -23.84 12.34 5.83
CA LEU B 208 -24.93 13.13 6.41
C LEU B 208 -26.27 12.93 5.68
N GLU B 223 -21.61 21.33 6.10
CA GLU B 223 -21.14 20.27 5.19
C GLU B 223 -19.62 20.31 5.05
N GLN B 224 -19.09 21.52 4.94
CA GLN B 224 -17.64 21.75 4.91
C GLN B 224 -16.98 21.73 6.31
N VAL B 225 -17.79 21.80 7.36
CA VAL B 225 -17.22 21.65 8.70
C VAL B 225 -16.88 20.17 8.85
N CYS B 226 -17.79 19.34 8.37
CA CYS B 226 -17.59 17.92 8.35
C CYS B 226 -16.30 17.53 7.55
N MSE B 227 -16.00 18.24 6.46
CA MSE B 227 -14.83 17.95 5.65
C MSE B 227 -13.57 18.24 6.46
O MSE B 227 -12.60 17.46 6.46
CB MSE B 227 -14.82 18.71 4.31
CG MSE B 227 -13.64 18.45 3.44
SE MSE B 227 -13.61 16.54 2.82
CE MSE B 227 -14.97 16.62 1.36
N ASP B 228 -13.57 19.35 7.18
CA ASP B 228 -12.49 19.71 8.08
C ASP B 228 -12.23 18.64 9.17
N TYR B 229 -13.28 18.19 9.81
CA TYR B 229 -13.22 17.18 10.89
C TYR B 229 -12.65 15.85 10.31
N ILE B 230 -13.16 15.45 9.16
CA ILE B 230 -12.73 14.21 8.53
C ILE B 230 -11.26 14.27 8.12
N CYS B 231 -10.83 15.39 7.54
CA CYS B 231 -9.44 15.60 7.17
C CYS B 231 -8.54 15.58 8.38
N ALA B 232 -8.99 16.08 9.51
CA ALA B 232 -8.16 15.94 10.70
C ALA B 232 -7.87 14.49 11.14
N GLU B 233 -8.81 13.57 10.92
CA GLU B 233 -8.72 12.20 11.44
C GLU B 233 -8.07 11.35 10.37
N ALA B 234 -8.22 11.75 9.10
CA ALA B 234 -7.80 10.95 7.94
C ALA B 234 -6.35 10.38 7.97
N PRO B 235 -5.36 11.11 8.50
CA PRO B 235 -4.02 10.56 8.52
C PRO B 235 -3.95 9.22 9.30
N LEU B 236 -4.78 9.01 10.34
CA LEU B 236 -4.79 7.73 11.02
C LEU B 236 -5.58 6.71 10.20
N PHE B 237 -6.49 7.14 9.35
CA PHE B 237 -7.03 6.24 8.35
C PHE B 237 -6.10 5.81 7.20
N LEU B 238 -5.03 6.57 6.92
CA LEU B 238 -4.12 6.38 5.76
C LEU B 238 -2.87 5.59 6.16
N ASP B 239 -2.26 5.98 7.28
CA ASP B 239 -0.96 5.43 7.61
C ASP B 239 -0.63 5.59 9.12
N THR B 240 -1.47 4.99 9.96
CA THR B 240 -1.11 4.86 11.40
C THR B 240 0.29 4.24 11.59
N PRO B 241 0.71 3.29 10.71
CA PRO B 241 2.05 2.77 10.98
C PRO B 241 3.18 3.79 10.96
N ALA B 242 3.09 4.73 10.02
CA ALA B 242 4.09 5.85 9.84
C ALA B 242 3.93 6.75 11.05
N ILE B 243 2.69 6.98 11.48
CA ILE B 243 2.51 7.91 12.59
C ILE B 243 2.98 7.33 13.97
N LEU B 244 2.56 6.10 14.29
CA LEU B 244 2.82 5.55 15.61
C LEU B 244 4.00 4.62 15.59
N GLY B 245 4.55 4.32 14.42
CA GLY B 245 5.77 3.56 14.49
C GLY B 245 5.43 2.07 14.75
N VAL B 246 4.30 1.55 14.23
CA VAL B 246 3.94 0.11 14.39
C VAL B 246 3.98 -0.58 13.06
N PRO B 247 4.01 -1.92 13.03
CA PRO B 247 4.22 -2.47 11.73
C PRO B 247 2.95 -2.46 10.84
N SER B 248 1.76 -2.59 11.44
CA SER B 248 0.54 -2.53 10.68
C SER B 248 -0.54 -2.07 11.69
N SER B 249 -1.67 -1.57 11.19
CA SER B 249 -2.71 -1.15 12.12
C SER B 249 -4.13 -1.27 11.53
N LEU B 250 -5.09 -1.52 12.42
CA LEU B 250 -6.44 -1.66 12.03
C LEU B 250 -7.20 -0.51 12.74
N ASN B 251 -7.75 0.37 11.95
CA ASN B 251 -8.48 1.49 12.48
C ASN B 251 -9.95 1.05 12.64
N CYS B 252 -10.44 1.10 13.88
CA CYS B 252 -11.69 0.45 14.24
C CYS B 252 -12.75 1.42 14.74
N TYR B 253 -13.96 1.24 14.28
CA TYR B 253 -15.01 2.12 14.67
C TYR B 253 -16.31 1.40 14.46
N HIS B 254 -17.39 1.92 15.07
CA HIS B 254 -18.67 1.14 15.03
C HIS B 254 -19.52 1.54 13.85
N GLN B 255 -19.04 2.48 13.05
CA GLN B 255 -19.58 2.78 11.71
C GLN B 255 -18.43 2.85 10.71
N SER B 256 -18.67 2.57 9.41
CA SER B 256 -17.54 2.71 8.42
C SER B 256 -17.11 4.17 8.31
N LEU B 257 -15.81 4.37 8.20
CA LEU B 257 -15.24 5.70 8.17
C LEU B 257 -15.63 6.37 6.83
N PRO B 258 -15.76 7.69 6.84
CA PRO B 258 -16.50 8.35 5.72
C PRO B 258 -15.94 8.19 4.22
N LEU B 259 -14.62 8.30 4.13
CA LEU B 259 -13.85 8.19 2.89
C LEU B 259 -13.32 6.78 2.78
N ALA B 260 -13.80 5.84 3.62
CA ALA B 260 -13.30 4.45 3.54
C ALA B 260 -13.49 3.83 2.14
N GLU B 261 -14.62 4.12 1.48
CA GLU B 261 -14.90 3.57 0.17
C GLU B 261 -13.81 3.97 -0.85
N MSE B 262 -13.19 5.13 -0.65
CA MSE B 262 -12.10 5.53 -1.55
C MSE B 262 -10.70 5.06 -1.03
O MSE B 262 -9.87 4.52 -1.81
CB MSE B 262 -12.13 7.07 -1.65
CG MSE B 262 -10.96 7.61 -2.52
SE MSE B 262 -10.76 9.49 -2.55
CE MSE B 262 -10.34 9.90 -0.73
N LEU B 263 -10.41 5.32 0.25
CA LEU B 263 -9.05 5.00 0.81
C LEU B 263 -8.63 3.52 0.74
N TYR B 264 -9.58 2.61 0.83
CA TYR B 264 -9.28 1.18 0.81
C TYR B 264 -9.69 0.49 -0.54
N ALA B 265 -10.00 1.27 -1.55
CA ALA B 265 -10.48 0.73 -2.82
C ALA B 265 -9.30 0.22 -3.69
N ARG B 266 -9.61 -0.62 -4.67
CA ARG B 266 -8.71 -0.95 -5.75
C ARG B 266 -8.43 0.31 -6.57
N GLY B 267 -7.57 0.23 -7.58
CA GLY B 267 -7.23 1.43 -8.40
C GLY B 267 -6.08 2.25 -7.91
N SER B 268 -6.09 3.55 -8.17
CA SER B 268 -4.99 4.46 -7.72
C SER B 268 -5.51 5.82 -7.38
N GLY B 269 -4.64 6.66 -6.82
CA GLY B 269 -5.02 8.01 -6.33
C GLY B 269 -4.70 8.05 -4.82
N LEU B 270 -5.59 8.62 -3.98
CA LEU B 270 -5.35 8.64 -2.53
C LEU B 270 -5.79 7.31 -1.94
N ARG B 271 -4.83 6.58 -1.39
CA ARG B 271 -5.10 5.24 -0.83
C ARG B 271 -4.35 5.13 0.47
N ALA B 272 -4.86 4.33 1.38
CA ALA B 272 -4.16 4.09 2.68
C ALA B 272 -2.99 3.22 2.36
N SER B 273 -1.97 3.29 3.22
CA SER B 273 -0.78 2.39 3.17
C SER B 273 -1.20 0.93 3.01
N ARG B 274 -0.40 0.13 2.27
CA ARG B 274 -0.64 -1.33 2.28
C ARG B 274 -0.64 -1.93 3.69
N ASN B 275 -0.12 -1.20 4.69
CA ASN B 275 -0.04 -1.73 6.07
C ASN B 275 -1.12 -1.19 7.03
N GLN B 276 -2.07 -0.52 6.41
CA GLN B 276 -3.16 0.10 7.14
C GLN B 276 -4.49 -0.57 6.74
N GLY B 277 -5.31 -0.93 7.73
CA GLY B 277 -6.64 -1.56 7.46
C GLY B 277 -7.74 -0.81 8.23
N HIS B 278 -8.98 -1.19 7.97
CA HIS B 278 -10.12 -0.63 8.76
C HIS B 278 -11.07 -1.76 9.05
N ALA B 279 -11.65 -1.80 10.26
CA ALA B 279 -12.73 -2.77 10.59
C ALA B 279 -13.88 -1.99 11.26
N ILE B 280 -15.08 -2.45 10.95
CA ILE B 280 -16.29 -2.02 11.63
C ILE B 280 -16.53 -2.98 12.80
N VAL B 281 -16.52 -2.41 14.01
CA VAL B 281 -16.50 -3.18 15.26
C VAL B 281 -17.76 -2.82 16.05
N THR B 282 -18.67 -3.78 16.20
CA THR B 282 -19.99 -3.44 16.82
C THR B 282 -20.35 -4.55 17.84
N PRO B 283 -21.22 -4.22 18.82
CA PRO B 283 -21.59 -5.15 19.89
C PRO B 283 -22.27 -6.43 19.36
N ASP B 284 -21.88 -7.52 20.00
CA ASP B 284 -22.55 -8.85 20.03
C ASP B 284 -22.01 -9.76 18.98
#